data_4AVX
#
_entry.id   4AVX
#
_cell.length_a   27.825
_cell.length_b   67.545
_cell.length_c   57.423
_cell.angle_alpha   90.00
_cell.angle_beta   103.51
_cell.angle_gamma   90.00
#
_symmetry.space_group_name_H-M   'P 1 21 1'
#
loop_
_entity.id
_entity.type
_entity.pdbx_description
1 polymer 'HEPATOCYTE GROWTH FACTOR-REGULATED TYROSINE KINASE SUBSTRATE'
2 non-polymer 1,2-ETHANEDIOL
3 non-polymer 'ZINC ION'
4 non-polymer 'PHOSPHORIC ACID MONO-(2,3,4,6-TETRAHYDROXY-5-PHOSPHONOOXY-CYCLOHEXYL) ESTER'
5 water water
#
_entity_poly.entity_id   1
_entity_poly.type   'polypeptide(L)'
_entity_poly.pdbx_seq_one_letter_code
;SMGRGSGTFERLLDKATSQLLLETDWESILQICDLIRQGDTQAKYAVNSIKKKVNDKNPHVALYALEVMESVVKNCGQTV
HDEVANKQTMEELKDLLKRQVEVNVRNKILYLIQAWAHAFRNEPKYKVVQDTYQIMKVEGHVFPEFKESDAMFAAERAPD
WVDAEECHRCRVQFGVMTRKHHCRACGQIFCGKCSSKYSTIPKFGIEKEVRVCEPCYEQLNRKAEG
;
_entity_poly.pdbx_strand_id   A
#
# COMPACT_ATOMS: atom_id res chain seq x y z
N GLY A 7 15.77 -2.88 23.71
CA GLY A 7 14.46 -3.36 23.17
C GLY A 7 13.40 -2.28 23.11
N THR A 8 13.73 -1.17 22.46
CA THR A 8 12.84 -0.02 22.33
C THR A 8 11.53 -0.33 21.63
N PHE A 9 11.64 -1.00 20.48
CA PHE A 9 10.44 -1.33 19.68
C PHE A 9 9.45 -2.13 20.54
N GLU A 10 9.97 -3.15 21.19
CA GLU A 10 9.12 -4.03 21.97
C GLU A 10 8.45 -3.27 23.16
N ARG A 11 9.18 -2.37 23.81
CA ARG A 11 8.56 -1.58 24.89
C ARG A 11 7.43 -0.69 24.38
N LEU A 12 7.69 -0.02 23.25
CA LEU A 12 6.68 0.81 22.61
C LEU A 12 5.47 0.00 22.17
N LEU A 13 5.69 -1.18 21.64
CA LEU A 13 4.58 -1.95 21.17
C LEU A 13 3.76 -2.41 22.35
N ASP A 14 4.41 -2.81 23.42
CA ASP A 14 3.68 -3.19 24.63
C ASP A 14 2.84 -2.02 25.21
N LYS A 15 3.44 -0.84 25.25
CA LYS A 15 2.83 0.35 25.74
C LYS A 15 1.60 0.66 24.90
N ALA A 16 1.75 0.55 23.59
CA ALA A 16 0.69 0.96 22.68
C ALA A 16 -0.49 0.02 22.64
N THR A 17 -0.28 -1.22 23.08
CA THR A 17 -1.27 -2.27 23.10
C THR A 17 -1.65 -2.79 24.49
N SER A 18 -1.32 -2.02 25.53
CA SER A 18 -1.60 -2.42 26.91
C SER A 18 -3.09 -2.58 27.22
N GLN A 19 -3.48 -3.60 27.96
N GLN A 19 -3.38 -3.64 27.98
CA GLN A 19 -4.91 -3.71 28.37
CA GLN A 19 -4.70 -3.91 28.55
C GLN A 19 -5.18 -2.85 29.60
C GLN A 19 -5.18 -2.65 29.24
N LEU A 20 -4.24 -1.98 29.93
CA LEU A 20 -4.50 -0.91 30.89
C LEU A 20 -4.65 0.42 30.18
N LEU A 21 -4.33 0.48 28.88
CA LEU A 21 -4.40 1.71 28.14
C LEU A 21 -5.84 2.14 27.92
N LEU A 22 -6.15 3.39 28.25
CA LEU A 22 -7.51 3.88 28.20
C LEU A 22 -7.89 4.07 26.79
N GLU A 23 -6.97 4.72 26.05
CA GLU A 23 -7.23 5.09 24.68
C GLU A 23 -5.91 5.04 23.88
N THR A 24 -6.08 4.99 22.56
CA THR A 24 -4.92 4.92 21.66
C THR A 24 -3.77 5.87 21.98
N ASP A 25 -2.52 5.35 21.95
CA ASP A 25 -1.35 6.08 22.32
C ASP A 25 -0.61 6.42 21.04
N TRP A 26 -1.03 7.52 20.41
CA TRP A 26 -0.50 7.92 19.12
C TRP A 26 0.96 8.21 19.13
N GLU A 27 1.49 8.74 20.23
CA GLU A 27 2.91 9.05 20.28
C GLU A 27 3.81 7.81 20.18
N SER A 28 3.44 6.75 20.90
CA SER A 28 4.18 5.48 20.79
C SER A 28 4.10 4.92 19.36
N ILE A 29 2.95 5.06 18.75
CA ILE A 29 2.71 4.57 17.39
C ILE A 29 3.59 5.33 16.44
N LEU A 30 3.65 6.66 16.56
CA LEU A 30 4.53 7.46 15.69
C LEU A 30 5.99 7.06 15.93
N GLN A 31 6.39 6.88 17.18
CA GLN A 31 7.74 6.37 17.43
C GLN A 31 8.04 5.01 16.85
N ILE A 32 7.07 4.09 16.83
CA ILE A 32 7.29 2.77 16.24
C ILE A 32 7.56 2.90 14.74
N CYS A 33 6.76 3.76 14.09
CA CYS A 33 6.91 4.06 12.66
C CYS A 33 8.28 4.63 12.37
N ASP A 34 8.74 5.53 13.23
CA ASP A 34 10.07 6.10 13.02
C ASP A 34 11.17 5.05 13.14
N LEU A 35 11.06 4.18 14.13
CA LEU A 35 12.01 3.05 14.26
C LEU A 35 12.13 2.19 13.00
N ILE A 36 11.02 1.92 12.35
CA ILE A 36 11.01 1.07 11.17
C ILE A 36 11.60 1.89 10.01
N ARG A 37 11.22 3.18 9.92
CA ARG A 37 11.72 4.06 8.84
C ARG A 37 13.22 4.29 8.95
N GLN A 38 13.72 4.51 10.17
CA GLN A 38 15.13 4.75 10.43
C GLN A 38 15.99 3.49 10.24
N GLY A 39 15.35 2.32 10.18
CA GLY A 39 16.05 1.02 10.05
C GLY A 39 16.39 0.29 11.35
N ASP A 40 15.85 0.77 12.46
CA ASP A 40 16.22 0.22 13.77
C ASP A 40 15.44 -1.06 14.01
N THR A 41 14.25 -1.16 13.42
CA THR A 41 13.51 -2.39 13.48
C THR A 41 13.16 -2.79 12.08
N GLN A 42 13.37 -4.05 11.76
CA GLN A 42 13.09 -4.54 10.42
CA GLN A 42 13.06 -4.50 10.40
C GLN A 42 11.60 -4.85 10.24
N ALA A 43 11.07 -4.58 9.03
CA ALA A 43 9.63 -4.68 8.76
C ALA A 43 9.05 -6.04 9.10
N LYS A 44 9.74 -7.12 8.69
CA LYS A 44 9.21 -8.46 8.95
C LYS A 44 8.94 -8.75 10.43
N TYR A 45 9.94 -8.40 11.24
CA TYR A 45 9.90 -8.66 12.67
C TYR A 45 8.85 -7.78 13.33
N ALA A 46 8.83 -6.52 12.93
CA ALA A 46 7.85 -5.54 13.44
C ALA A 46 6.46 -6.05 13.16
N VAL A 47 6.16 -6.38 11.91
CA VAL A 47 4.84 -6.85 11.57
C VAL A 47 4.49 -8.15 12.27
N ASN A 48 5.38 -9.15 12.31
CA ASN A 48 5.06 -10.35 13.03
C ASN A 48 4.72 -10.13 14.51
N SER A 49 5.45 -9.18 15.10
CA SER A 49 5.23 -8.78 16.47
C SER A 49 3.87 -8.15 16.70
N ILE A 50 3.53 -7.20 15.82
CA ILE A 50 2.20 -6.54 15.86
C ILE A 50 1.09 -7.59 15.66
N LYS A 51 1.25 -8.51 14.73
CA LYS A 51 0.31 -9.59 14.51
C LYS A 51 0.02 -10.43 15.76
N LYS A 52 1.06 -10.71 16.56
CA LYS A 52 0.87 -11.45 17.81
C LYS A 52 -0.10 -10.71 18.71
N LYS A 53 0.02 -9.39 18.74
CA LYS A 53 -0.88 -8.57 19.52
C LYS A 53 -2.32 -8.46 18.97
N VAL A 54 -2.44 -8.39 17.65
CA VAL A 54 -3.74 -8.49 17.00
C VAL A 54 -4.51 -9.70 17.43
N ASN A 55 -3.83 -10.82 17.67
CA ASN A 55 -4.53 -12.04 18.10
C ASN A 55 -4.75 -12.20 19.56
N ASP A 56 -4.56 -11.12 20.32
CA ASP A 56 -4.79 -11.20 21.75
C ASP A 56 -6.26 -11.51 22.06
N LYS A 57 -6.45 -12.18 23.18
CA LYS A 57 -7.79 -12.53 23.59
C LYS A 57 -8.61 -11.30 23.96
N ASN A 58 -7.98 -10.23 24.45
CA ASN A 58 -8.74 -9.06 24.83
C ASN A 58 -8.91 -8.24 23.55
N PRO A 59 -10.14 -7.84 23.23
CA PRO A 59 -10.49 -7.05 22.04
C PRO A 59 -10.00 -5.61 22.12
N HIS A 60 -9.90 -5.00 23.30
CA HIS A 60 -9.16 -3.72 23.40
C HIS A 60 -7.70 -3.81 22.90
N VAL A 61 -6.94 -4.83 23.29
CA VAL A 61 -5.57 -5.04 22.85
C VAL A 61 -5.55 -5.28 21.34
N ALA A 62 -6.46 -6.14 20.90
CA ALA A 62 -6.53 -6.52 19.50
C ALA A 62 -6.74 -5.26 18.62
N LEU A 63 -7.65 -4.40 19.06
CA LEU A 63 -7.98 -3.19 18.28
C LEU A 63 -6.82 -2.23 18.32
N TYR A 64 -6.21 -2.04 19.50
CA TYR A 64 -5.01 -1.18 19.52
C TYR A 64 -3.94 -1.72 18.59
N ALA A 65 -3.79 -3.04 18.53
CA ALA A 65 -2.82 -3.63 17.64
C ALA A 65 -3.15 -3.40 16.17
N LEU A 66 -4.43 -3.48 15.83
CA LEU A 66 -4.82 -3.20 14.48
C LEU A 66 -4.55 -1.76 14.14
N GLU A 67 -4.68 -0.87 15.11
CA GLU A 67 -4.34 0.53 14.91
C GLU A 67 -2.85 0.74 14.66
N VAL A 68 -2.01 -0.03 15.36
CA VAL A 68 -0.57 0.02 15.10
C VAL A 68 -0.28 -0.49 13.68
N MET A 69 -0.92 -1.60 13.31
CA MET A 69 -0.76 -2.21 11.99
CA MET A 69 -0.75 -2.19 11.99
C MET A 69 -1.15 -1.22 10.90
N GLU A 70 -2.27 -0.52 11.09
CA GLU A 70 -2.76 0.46 10.10
C GLU A 70 -1.75 1.52 9.88
N SER A 71 -1.17 2.03 10.97
N SER A 71 -1.18 2.02 10.97
CA SER A 71 -0.21 3.12 10.90
CA SER A 71 -0.24 3.13 10.95
C SER A 71 1.09 2.71 10.25
C SER A 71 1.09 2.73 10.30
N VAL A 72 1.63 1.57 10.65
CA VAL A 72 2.92 1.10 10.08
C VAL A 72 2.75 0.85 8.58
N VAL A 73 1.64 0.26 8.19
CA VAL A 73 1.38 0.08 6.74
C VAL A 73 1.32 1.45 6.01
N LYS A 74 0.59 2.41 6.56
CA LYS A 74 0.37 3.70 5.93
C LYS A 74 1.68 4.45 5.84
N ASN A 75 2.47 4.36 6.90
CA ASN A 75 3.58 5.30 7.06
C ASN A 75 4.96 4.76 6.73
N CYS A 76 5.12 3.45 6.57
CA CYS A 76 6.46 2.85 6.48
C CYS A 76 6.96 2.27 5.11
N GLY A 77 6.14 2.35 4.08
CA GLY A 77 6.56 1.98 2.72
C GLY A 77 6.50 0.52 2.38
N GLN A 78 7.05 0.20 1.20
CA GLN A 78 6.87 -1.09 0.56
C GLN A 78 7.35 -2.26 1.37
N THR A 79 8.38 -2.09 2.21
CA THR A 79 8.86 -3.25 2.95
C THR A 79 7.82 -3.70 4.00
N VAL A 80 6.97 -2.75 4.44
CA VAL A 80 5.90 -3.11 5.38
C VAL A 80 4.66 -3.56 4.58
N HIS A 81 4.36 -2.90 3.45
CA HIS A 81 3.28 -3.36 2.58
C HIS A 81 3.40 -4.84 2.21
N ASP A 82 4.61 -5.27 1.86
CA ASP A 82 4.88 -6.60 1.42
C ASP A 82 4.60 -7.61 2.52
N GLU A 83 4.70 -7.18 3.80
CA GLU A 83 4.38 -8.09 4.92
C GLU A 83 2.91 -8.32 5.17
N VAL A 84 2.07 -7.40 4.69
CA VAL A 84 0.59 -7.52 4.89
C VAL A 84 -0.19 -7.87 3.65
N ALA A 85 0.34 -7.48 2.48
CA ALA A 85 -0.32 -7.66 1.20
C ALA A 85 -0.01 -9.03 0.62
N ASN A 86 -0.40 -10.05 1.35
CA ASN A 86 -0.13 -11.42 0.97
C ASN A 86 -1.22 -12.41 1.44
N LYS A 87 -1.18 -13.61 0.88
CA LYS A 87 -2.17 -14.66 1.14
C LYS A 87 -2.22 -15.00 2.63
N GLN A 88 -1.04 -15.13 3.24
CA GLN A 88 -0.97 -15.56 4.64
C GLN A 88 -1.73 -14.56 5.47
N THR A 89 -1.52 -13.25 5.24
CA THR A 89 -2.18 -12.23 6.08
C THR A 89 -3.67 -12.12 5.80
N MET A 90 -4.05 -12.26 4.54
CA MET A 90 -5.46 -12.26 4.16
C MET A 90 -6.18 -13.46 4.78
N GLU A 91 -5.56 -14.65 4.75
CA GLU A 91 -6.17 -15.80 5.43
C GLU A 91 -6.33 -15.60 6.95
N GLU A 92 -5.30 -14.98 7.56
CA GLU A 92 -5.29 -14.68 9.00
C GLU A 92 -6.36 -13.67 9.35
N LEU A 93 -6.50 -12.61 8.55
CA LEU A 93 -7.57 -11.64 8.79
C LEU A 93 -8.98 -12.17 8.56
N LYS A 94 -9.18 -13.00 7.54
CA LYS A 94 -10.46 -13.61 7.34
C LYS A 94 -10.81 -14.47 8.57
N ASP A 95 -9.85 -15.23 9.04
CA ASP A 95 -10.11 -16.10 10.21
C ASP A 95 -10.36 -15.28 11.49
N LEU A 96 -9.58 -14.23 11.67
CA LEU A 96 -9.80 -13.36 12.83
C LEU A 96 -11.20 -12.73 12.77
N LEU A 97 -11.61 -12.31 11.57
CA LEU A 97 -12.93 -11.70 11.37
C LEU A 97 -14.05 -12.67 11.78
N LYS A 98 -13.91 -13.94 11.36
CA LYS A 98 -14.90 -14.97 11.54
C LYS A 98 -15.16 -15.19 13.03
N ARG A 99 -14.13 -15.04 13.86
CA ARG A 99 -14.29 -15.29 15.29
C ARG A 99 -14.52 -14.04 16.12
N GLN A 100 -14.55 -12.84 15.49
CA GLN A 100 -14.84 -11.61 16.24
C GLN A 100 -16.29 -11.51 16.60
N VAL A 101 -16.49 -11.11 17.85
CA VAL A 101 -17.79 -10.77 18.39
C VAL A 101 -17.92 -9.26 18.55
N GLU A 102 -16.80 -8.55 18.75
CA GLU A 102 -16.91 -7.12 19.03
C GLU A 102 -16.96 -6.37 17.72
N VAL A 103 -17.90 -5.44 17.62
CA VAL A 103 -18.14 -4.74 16.37
C VAL A 103 -16.98 -3.88 15.94
N ASN A 104 -16.37 -3.16 16.86
CA ASN A 104 -15.31 -2.25 16.45
C ASN A 104 -14.10 -2.99 15.88
N VAL A 105 -13.82 -4.18 16.37
CA VAL A 105 -12.77 -5.01 15.84
C VAL A 105 -13.14 -5.54 14.44
N ARG A 106 -14.35 -6.11 14.29
CA ARG A 106 -14.86 -6.51 12.95
C ARG A 106 -14.77 -5.34 11.96
N ASN A 107 -15.30 -4.17 12.35
CA ASN A 107 -15.22 -3.02 11.47
C ASN A 107 -13.81 -2.62 11.08
N LYS A 108 -12.86 -2.66 12.02
CA LYS A 108 -11.49 -2.26 11.73
C LYS A 108 -10.84 -3.20 10.72
N ILE A 109 -11.14 -4.48 10.84
CA ILE A 109 -10.59 -5.46 9.89
C ILE A 109 -11.12 -5.21 8.51
N LEU A 110 -12.43 -5.03 8.39
CA LEU A 110 -13.08 -4.74 7.14
C LEU A 110 -12.51 -3.43 6.55
N TYR A 111 -12.39 -2.40 7.38
CA TYR A 111 -11.84 -1.10 6.98
C TYR A 111 -10.46 -1.26 6.37
N LEU A 112 -9.61 -2.04 7.03
CA LEU A 112 -8.25 -2.25 6.55
C LEU A 112 -8.20 -3.04 5.25
N ILE A 113 -8.98 -4.13 5.17
CA ILE A 113 -9.03 -4.89 3.92
C ILE A 113 -9.38 -4.00 2.75
N GLN A 114 -10.38 -3.15 2.94
CA GLN A 114 -10.84 -2.25 1.91
C GLN A 114 -9.81 -1.19 1.56
N ALA A 115 -9.17 -0.59 2.57
CA ALA A 115 -8.26 0.50 2.32
C ALA A 115 -7.03 -0.01 1.62
N TRP A 116 -6.55 -1.17 2.06
CA TRP A 116 -5.43 -1.83 1.42
C TRP A 116 -5.71 -2.31 0.03
N ALA A 117 -6.91 -2.87 -0.19
CA ALA A 117 -7.29 -3.31 -1.53
C ALA A 117 -7.21 -2.13 -2.51
N HIS A 118 -7.65 -0.95 -2.09
CA HIS A 118 -7.58 0.25 -2.91
C HIS A 118 -6.19 0.73 -3.10
N ALA A 119 -5.43 0.87 -2.01
CA ALA A 119 -4.06 1.30 -2.09
C ALA A 119 -3.15 0.44 -2.95
N PHE A 120 -3.42 -0.85 -2.98
CA PHE A 120 -2.57 -1.79 -3.65
C PHE A 120 -3.15 -2.29 -4.96
N ARG A 121 -4.16 -1.60 -5.44
CA ARG A 121 -4.81 -2.02 -6.70
C ARG A 121 -3.80 -1.93 -7.86
N ASN A 122 -4.05 -2.61 -8.96
CA ASN A 122 -3.02 -2.59 -10.04
C ASN A 122 -1.56 -2.96 -9.68
N GLU A 123 -1.31 -3.66 -8.58
CA GLU A 123 -0.04 -4.35 -8.33
C GLU A 123 -0.35 -5.86 -8.34
N PRO A 124 0.01 -6.58 -9.42
CA PRO A 124 -0.31 -8.02 -9.48
C PRO A 124 0.13 -8.79 -8.26
N LYS A 125 1.27 -8.44 -7.69
CA LYS A 125 1.74 -9.15 -6.54
C LYS A 125 0.75 -9.12 -5.41
N TYR A 126 0.01 -8.01 -5.33
CA TYR A 126 -0.87 -7.78 -4.17
C TYR A 126 -2.33 -8.01 -4.45
N LYS A 127 -2.61 -8.66 -5.57
CA LYS A 127 -3.99 -8.89 -6.01
C LYS A 127 -4.83 -9.69 -5.03
N VAL A 128 -4.18 -10.53 -4.24
CA VAL A 128 -4.90 -11.26 -3.17
C VAL A 128 -5.66 -10.37 -2.18
N VAL A 129 -5.21 -9.13 -1.98
CA VAL A 129 -5.93 -8.20 -1.10
C VAL A 129 -7.25 -7.79 -1.79
N GLN A 130 -7.21 -7.32 -3.03
CA GLN A 130 -8.46 -7.03 -3.74
C GLN A 130 -9.36 -8.29 -3.79
N ASP A 131 -8.79 -9.48 -3.96
CA ASP A 131 -9.61 -10.67 -4.06
C ASP A 131 -10.34 -11.01 -2.75
N THR A 132 -9.67 -10.72 -1.64
CA THR A 132 -10.23 -10.91 -0.29
C THR A 132 -11.36 -9.89 -0.12
N TYR A 133 -11.12 -8.64 -0.49
CA TYR A 133 -12.19 -7.66 -0.44
C TYR A 133 -13.41 -8.08 -1.25
N GLN A 134 -13.19 -8.53 -2.47
CA GLN A 134 -14.22 -8.92 -3.35
C GLN A 134 -15.02 -10.08 -2.81
N ILE A 135 -14.35 -11.12 -2.34
CA ILE A 135 -15.10 -12.24 -1.82
C ILE A 135 -15.83 -11.96 -0.51
N MET A 136 -15.26 -11.09 0.35
N MET A 136 -15.28 -11.08 0.34
CA MET A 136 -15.99 -10.77 1.58
CA MET A 136 -15.99 -10.75 1.55
C MET A 136 -17.27 -10.00 1.19
C MET A 136 -17.27 -10.01 1.17
N LYS A 137 -17.16 -9.12 0.18
CA LYS A 137 -18.29 -8.32 -0.28
C LYS A 137 -19.40 -9.26 -0.85
N VAL A 138 -18.97 -10.23 -1.66
CA VAL A 138 -19.84 -11.23 -2.26
C VAL A 138 -20.60 -12.02 -1.17
N GLU A 139 -19.91 -12.35 -0.07
CA GLU A 139 -20.45 -13.12 1.04
C GLU A 139 -21.23 -12.28 2.08
N GLY A 140 -21.38 -11.01 1.78
CA GLY A 140 -22.32 -10.20 2.48
C GLY A 140 -21.77 -9.34 3.58
N HIS A 141 -20.45 -9.22 3.69
CA HIS A 141 -19.85 -8.31 4.64
C HIS A 141 -20.06 -6.88 4.15
N VAL A 142 -20.52 -6.04 5.05
CA VAL A 142 -20.79 -4.65 4.72
C VAL A 142 -19.59 -3.87 5.24
N PHE A 143 -18.90 -3.25 4.30
CA PHE A 143 -17.71 -2.47 4.63
C PHE A 143 -18.16 -1.09 5.07
N PRO A 144 -17.33 -0.44 5.88
CA PRO A 144 -17.55 0.98 6.12
C PRO A 144 -17.43 1.78 4.82
N GLU A 145 -18.07 2.92 4.81
CA GLU A 145 -17.97 3.78 3.67
C GLU A 145 -16.50 4.10 3.33
N PHE A 146 -16.15 3.87 2.09
CA PHE A 146 -14.81 4.09 1.61
C PHE A 146 -14.50 5.59 1.38
N LYS A 147 -13.40 6.03 1.97
CA LYS A 147 -12.84 7.37 1.74
C LYS A 147 -11.48 7.18 1.05
N GLU A 148 -11.37 7.70 -0.17
CA GLU A 148 -10.14 7.60 -1.00
C GLU A 148 -8.94 8.13 -0.27
N SER A 149 -9.16 9.15 0.57
CA SER A 149 -8.11 9.67 1.47
C SER A 149 -7.39 8.66 2.40
N ASP A 150 -8.01 7.51 2.67
CA ASP A 150 -7.44 6.48 3.53
C ASP A 150 -6.55 5.54 2.74
N ALA A 151 -6.49 5.73 1.42
CA ALA A 151 -5.80 4.79 0.52
C ALA A 151 -4.83 5.43 -0.49
N MET A 152 -4.30 6.61 -0.16
CA MET A 152 -3.39 7.39 -1.00
C MET A 152 -1.92 7.22 -0.56
N PHE A 153 -1.69 6.42 0.48
CA PHE A 153 -0.39 6.29 1.10
C PHE A 153 0.71 5.63 0.29
N ALA A 154 0.33 4.87 -0.76
CA ALA A 154 1.29 4.18 -1.61
C ALA A 154 1.51 4.89 -2.95
N ALA A 155 0.78 5.98 -3.19
CA ALA A 155 0.91 6.73 -4.43
C ALA A 155 2.21 7.47 -4.45
N GLU A 156 2.74 7.72 -5.65
CA GLU A 156 3.95 8.44 -5.83
C GLU A 156 3.70 9.49 -6.89
N ARG A 157 4.66 10.36 -7.06
CA ARG A 157 4.47 11.31 -8.15
C ARG A 157 5.24 10.84 -9.35
N ALA A 158 4.76 11.32 -10.48
CA ALA A 158 5.35 11.00 -11.77
C ALA A 158 6.77 11.64 -11.88
N PRO A 159 7.73 10.94 -12.59
CA PRO A 159 9.07 11.38 -12.64
C PRO A 159 9.20 12.67 -13.44
N ASP A 160 10.21 13.41 -13.10
CA ASP A 160 10.60 14.55 -13.92
C ASP A 160 11.06 14.09 -15.31
N TRP A 161 10.94 15.02 -16.28
CA TRP A 161 11.27 14.73 -17.62
C TRP A 161 12.72 14.96 -17.94
N VAL A 162 13.30 14.05 -18.70
CA VAL A 162 14.71 14.12 -19.14
C VAL A 162 14.84 14.85 -20.47
N ASP A 163 15.86 15.71 -20.62
CA ASP A 163 16.21 16.21 -21.97
C ASP A 163 17.44 15.55 -22.56
N ALA A 164 17.44 15.32 -23.89
CA ALA A 164 18.50 14.65 -24.59
C ALA A 164 18.35 15.03 -26.04
N GLU A 165 19.38 14.78 -26.83
CA GLU A 165 19.40 15.14 -28.25
C GLU A 165 19.06 13.97 -29.16
N GLU A 166 18.82 12.79 -28.57
CA GLU A 166 18.42 11.58 -29.28
C GLU A 166 17.36 10.75 -28.49
N CYS A 167 16.60 9.94 -29.23
CA CYS A 167 15.56 9.10 -28.62
C CYS A 167 16.20 8.06 -27.68
N HIS A 168 15.60 7.89 -26.51
CA HIS A 168 16.14 7.00 -25.52
C HIS A 168 16.12 5.58 -25.99
N ARG A 169 15.16 5.22 -26.83
CA ARG A 169 15.03 3.85 -27.33
C ARG A 169 15.86 3.60 -28.58
N CYS A 170 15.57 4.32 -29.66
CA CYS A 170 16.19 4.06 -30.96
C CYS A 170 17.34 4.99 -31.32
N ARG A 171 17.55 6.01 -30.50
CA ARG A 171 18.71 6.92 -30.62
C ARG A 171 18.67 7.77 -31.89
N VAL A 172 17.55 7.77 -32.60
CA VAL A 172 17.37 8.75 -33.68
C VAL A 172 17.61 10.15 -33.11
N GLN A 173 18.30 11.00 -33.88
CA GLN A 173 18.64 12.33 -33.44
C GLN A 173 17.42 13.23 -33.67
N PHE A 174 17.09 13.97 -32.63
CA PHE A 174 16.01 14.94 -32.70
C PHE A 174 16.45 16.10 -33.58
N GLY A 175 15.46 16.72 -34.22
CA GLY A 175 15.67 17.89 -35.07
C GLY A 175 14.33 18.57 -35.29
N VAL A 176 14.31 19.56 -36.18
CA VAL A 176 13.08 20.28 -36.47
C VAL A 176 11.99 19.30 -36.95
N MET A 177 12.36 18.30 -37.69
CA MET A 177 11.33 17.38 -38.20
C MET A 177 11.41 16.00 -37.51
N THR A 178 12.17 15.87 -36.44
CA THR A 178 12.12 14.65 -35.62
C THR A 178 11.94 15.14 -34.23
N ARG A 179 10.69 15.28 -33.80
CA ARG A 179 10.39 16.10 -32.60
C ARG A 179 10.35 15.24 -31.35
N LYS A 180 10.50 15.94 -30.21
CA LYS A 180 10.59 15.30 -28.89
C LYS A 180 9.26 15.02 -28.28
N HIS A 181 9.21 13.89 -27.59
CA HIS A 181 8.07 13.51 -26.76
C HIS A 181 8.58 12.89 -25.48
N HIS A 182 7.72 12.78 -24.47
CA HIS A 182 8.11 12.13 -23.24
C HIS A 182 7.16 11.10 -22.80
N CYS A 183 7.70 10.07 -22.16
CA CYS A 183 6.89 9.07 -21.47
C CYS A 183 6.57 9.56 -20.07
N ARG A 184 5.28 9.66 -19.72
CA ARG A 184 4.84 10.16 -18.43
C ARG A 184 5.20 9.17 -17.31
N ALA A 185 5.38 7.89 -17.66
CA ALA A 185 5.66 6.87 -16.63
C ALA A 185 7.15 6.79 -16.16
N CYS A 186 8.11 6.99 -17.06
CA CYS A 186 9.52 6.96 -16.76
C CYS A 186 10.24 8.30 -16.94
N GLY A 187 9.58 9.25 -17.63
CA GLY A 187 10.19 10.57 -17.85
C GLY A 187 11.21 10.63 -18.95
N GLN A 188 11.51 9.51 -19.60
CA GLN A 188 12.50 9.56 -20.64
C GLN A 188 11.95 10.22 -21.91
N ILE A 189 12.89 10.57 -22.79
CA ILE A 189 12.59 11.31 -24.01
C ILE A 189 12.65 10.40 -25.21
N PHE A 190 11.66 10.51 -26.07
CA PHE A 190 11.46 9.61 -27.16
C PHE A 190 11.03 10.29 -28.44
N CYS A 191 11.32 9.67 -29.56
CA CYS A 191 10.63 9.97 -30.77
C CYS A 191 9.17 9.49 -30.74
N GLY A 192 8.37 10.01 -31.66
CA GLY A 192 6.97 9.64 -31.75
C GLY A 192 6.73 8.16 -31.95
N LYS A 193 7.55 7.51 -32.77
CA LYS A 193 7.37 6.05 -33.01
C LYS A 193 7.62 5.19 -31.79
N CYS A 194 8.47 5.68 -30.89
CA CYS A 194 8.87 4.96 -29.72
C CYS A 194 7.96 5.30 -28.49
N SER A 195 7.07 6.27 -28.66
CA SER A 195 6.17 6.72 -27.56
C SER A 195 4.74 6.94 -28.06
N SER A 196 4.26 5.94 -28.82
CA SER A 196 2.93 5.94 -29.47
C SER A 196 1.75 5.41 -28.59
N LYS A 197 2.09 4.87 -27.42
CA LYS A 197 1.12 4.20 -26.55
C LYS A 197 0.55 5.20 -25.57
N TYR A 198 -0.65 4.92 -25.06
CA TYR A 198 -1.32 5.75 -24.11
C TYR A 198 -1.85 4.85 -23.01
N SER A 199 -1.62 5.28 -21.79
CA SER A 199 -2.03 4.53 -20.62
C SER A 199 -2.38 5.46 -19.44
N THR A 200 -3.30 5.00 -18.57
CA THR A 200 -3.39 5.63 -17.26
C THR A 200 -2.19 5.21 -16.45
N ILE A 201 -1.98 5.92 -15.35
CA ILE A 201 -0.90 5.58 -14.43
C ILE A 201 -1.40 5.77 -13.01
N PRO A 202 -2.27 4.84 -12.56
CA PRO A 202 -2.83 4.92 -11.19
C PRO A 202 -1.79 5.17 -10.11
N LYS A 203 -0.62 4.54 -10.23
CA LYS A 203 0.43 4.72 -9.24
C LYS A 203 0.81 6.19 -8.95
N PHE A 204 0.72 7.02 -9.98
CA PHE A 204 1.13 8.41 -9.94
C PHE A 204 -0.05 9.34 -9.88
N GLY A 205 -1.23 8.78 -9.66
CA GLY A 205 -2.44 9.57 -9.63
C GLY A 205 -2.97 10.04 -10.99
N ILE A 206 -2.53 9.39 -12.07
CA ILE A 206 -2.96 9.70 -13.47
C ILE A 206 -4.00 8.71 -13.96
N GLU A 207 -5.24 9.20 -14.05
CA GLU A 207 -6.39 8.39 -14.49
C GLU A 207 -6.85 8.75 -15.89
N LYS A 208 -6.35 9.87 -16.41
CA LYS A 208 -6.38 10.13 -17.85
C LYS A 208 -5.29 9.30 -18.57
N GLU A 209 -5.60 8.91 -19.81
CA GLU A 209 -4.64 8.19 -20.63
C GLU A 209 -3.61 9.17 -21.16
N VAL A 210 -2.33 8.89 -20.87
CA VAL A 210 -1.23 9.82 -21.19
C VAL A 210 -0.18 9.02 -21.91
N ARG A 211 0.64 9.74 -22.67
CA ARG A 211 1.65 9.15 -23.51
C ARG A 211 2.71 8.39 -22.71
N VAL A 212 2.97 7.15 -23.12
CA VAL A 212 4.00 6.29 -22.56
C VAL A 212 4.83 5.59 -23.65
N CYS A 213 6.03 5.19 -23.29
CA CYS A 213 6.83 4.30 -24.11
C CYS A 213 6.28 2.86 -24.06
N GLU A 214 6.79 1.97 -24.92
CA GLU A 214 6.28 0.58 -24.98
C GLU A 214 6.63 -0.28 -23.77
N PRO A 215 7.90 -0.19 -23.27
CA PRO A 215 8.27 -0.85 -22.03
C PRO A 215 7.35 -0.46 -20.89
N CYS A 216 7.12 0.86 -20.69
CA CYS A 216 6.14 1.30 -19.68
C CYS A 216 4.68 0.91 -19.94
N TYR A 217 4.26 1.02 -21.21
CA TYR A 217 2.95 0.53 -21.57
C TYR A 217 2.77 -0.94 -21.18
N GLU A 218 3.76 -1.78 -21.47
CA GLU A 218 3.55 -3.21 -21.19
C GLU A 218 3.57 -3.53 -19.72
N GLN A 219 4.45 -2.83 -19.01
CA GLN A 219 4.47 -2.97 -17.57
C GLN A 219 3.15 -2.58 -16.96
N LEU A 220 2.58 -1.49 -17.43
CA LEU A 220 1.32 -1.01 -16.95
C LEU A 220 0.13 -1.80 -17.52
N ASN A 221 0.28 -2.39 -18.71
CA ASN A 221 -0.79 -3.17 -19.36
C ASN A 221 -1.00 -4.48 -18.60
N ARG A 222 0.11 -5.19 -18.37
CA ARG A 222 0.14 -6.45 -17.57
C ARG A 222 -0.08 -6.23 -16.06
N LYS A 223 0.25 -5.04 -15.56
CA LYS A 223 -0.18 -4.60 -14.20
C LYS A 223 -1.70 -4.40 -14.09
N ALA A 224 -2.38 -4.31 -15.23
CA ALA A 224 -3.85 -4.31 -15.31
C ALA A 224 -4.32 -5.52 -16.10
#